data_5FOD
#
_entry.id   5FOD
#
_cell.length_a   48.600
_cell.length_b   53.100
_cell.length_c   62.700
_cell.angle_alpha   88.40
_cell.angle_beta   73.70
_cell.angle_gamma   89.80
#
_symmetry.space_group_name_H-M   'P 1'
#
loop_
_entity.id
_entity.type
_entity.pdbx_description
1 polymer 'LEUCYL-TRNA SYNTHETASE'
2 non-polymer 1,2-ETHANEDIOL
3 water water
#
_entity_poly.entity_id   1
_entity_poly.type   'polypeptide(L)'
_entity_poly.pdbx_seq_one_letter_code
;GAMKSQEYTLIKIFVSNVKDFYSIFMNSIRSSQSVLNACIEKKEAPNNNNNKINNNKINGTFFTDFEKGEEDLKNKIWNE
DFFVKDKKVIFLGSTLKPETAYGQNYTFINPNEYYYLTLGFDKQNLHYGDKSYVNNIMTKEEIINSCPNIYVCSENSLYN
LAYQGIIPLLKNKNGNLDDVFILNKIKGEHFVGLETYTNISKIKNLYILPMTTIKMNISTGIVPCVSSDSTDDYACLEDI
RKKKNYYCEKYNLKEEQLKNNSESCIELPEIGNNTGKYYYEKEKVSSYKDVKLQKIKEVLYKKQYFEGIMTVDPYKGMKT
FNCRKLAKQNIIRNLDGFLYSE
;
_entity_poly.pdbx_strand_id   A,B
#
# COMPACT_ATOMS: atom_id res chain seq x y z
N SER A 5 2.90 -9.23 -6.24
CA SER A 5 3.84 -8.08 -6.30
C SER A 5 3.88 -7.30 -4.96
N GLN A 6 4.98 -7.48 -4.23
CA GLN A 6 5.18 -6.92 -2.89
C GLN A 6 6.00 -5.59 -2.96
N GLU A 7 5.49 -4.55 -2.31
CA GLU A 7 6.12 -3.22 -2.27
C GLU A 7 7.03 -3.11 -1.04
N TYR A 8 8.28 -2.71 -1.25
CA TYR A 8 9.27 -2.52 -0.19
C TYR A 8 9.61 -1.06 -0.17
N THR A 9 10.03 -0.59 1.01
CA THR A 9 10.64 0.71 1.17
C THR A 9 12.12 0.49 1.27
N LEU A 10 12.82 1.14 0.37
CA LEU A 10 14.26 1.11 0.42
C LEU A 10 14.71 2.32 1.21
N ILE A 11 15.68 2.13 2.09
CA ILE A 11 16.20 3.24 2.89
C ILE A 11 17.62 3.43 2.50
N LYS A 12 17.99 4.71 2.22
CA LYS A 12 19.38 5.04 1.95
C LYS A 12 20.24 4.91 3.20
N ILE A 13 21.11 3.92 3.18
CA ILE A 13 22.05 3.71 4.26
C ILE A 13 23.41 4.15 3.85
N PHE A 14 23.79 5.33 4.32
CA PHE A 14 25.05 5.98 3.91
C PHE A 14 26.21 5.38 4.67
N VAL A 15 27.36 5.27 4.01
CA VAL A 15 28.62 4.84 4.63
C VAL A 15 29.24 6.06 5.33
N SER A 16 29.65 5.94 6.57
CA SER A 16 30.31 7.05 7.31
C SER A 16 31.75 7.19 6.89
N ASN A 17 32.49 6.09 6.91
CA ASN A 17 33.92 6.13 6.58
C ASN A 17 34.15 5.69 5.12
N VAL A 18 33.91 6.65 4.24
CA VAL A 18 34.13 6.49 2.83
C VAL A 18 35.56 6.20 2.41
N LYS A 19 36.56 6.74 3.13
CA LYS A 19 37.97 6.37 2.88
C LYS A 19 38.22 4.88 3.13
N ASP A 20 37.61 4.30 4.16
CA ASP A 20 37.70 2.81 4.35
C ASP A 20 36.97 2.08 3.23
N PHE A 21 35.83 2.58 2.85
CA PHE A 21 35.08 1.97 1.74
C PHE A 21 35.94 2.00 0.46
N TYR A 22 36.76 3.05 0.31
CA TYR A 22 37.65 3.13 -0.83
C TYR A 22 38.76 2.07 -0.85
N SER A 23 39.35 1.80 0.30
CA SER A 23 40.32 0.72 0.45
C SER A 23 39.69 -0.63 0.12
N ILE A 24 38.52 -0.88 0.67
CA ILE A 24 37.84 -2.14 0.37
C ILE A 24 37.61 -2.27 -1.14
N PHE A 25 37.20 -1.18 -1.75
CA PHE A 25 36.86 -1.17 -3.18
C PHE A 25 38.13 -1.53 -3.97
N MET A 26 39.30 -0.94 -3.61
CA MET A 26 40.54 -1.09 -4.38
C MET A 26 41.17 -2.45 -4.12
N ASN A 27 41.04 -2.99 -2.90
CA ASN A 27 41.48 -4.38 -2.64
C ASN A 27 40.67 -5.34 -3.53
N SER A 28 39.38 -5.08 -3.66
CA SER A 28 38.55 -5.87 -4.53
C SER A 28 38.96 -5.76 -5.98
N ILE A 29 39.23 -4.55 -6.49
CA ILE A 29 39.70 -4.44 -7.85
C ILE A 29 40.99 -5.28 -8.07
N ARG A 30 41.95 -5.15 -7.16
CA ARG A 30 43.21 -5.84 -7.24
C ARG A 30 43.00 -7.38 -7.12
N SER A 31 42.13 -7.81 -6.22
CA SER A 31 41.90 -9.26 -6.09
C SER A 31 41.29 -9.80 -7.37
N SER A 32 40.38 -9.07 -7.98
CA SER A 32 39.66 -9.60 -9.16
C SER A 32 40.55 -9.59 -10.43
N GLN A 33 41.40 -8.57 -10.56
CA GLN A 33 42.50 -8.56 -11.53
C GLN A 33 43.48 -9.71 -11.31
N SER A 34 43.70 -10.08 -10.05
CA SER A 34 44.59 -11.22 -9.76
C SER A 34 43.91 -12.54 -10.16
N VAL A 35 42.72 -12.80 -9.64
CA VAL A 35 42.01 -14.06 -9.97
C VAL A 35 41.81 -14.26 -11.50
N LEU A 36 41.50 -13.19 -12.25
CA LEU A 36 41.26 -13.26 -13.72
C LEU A 36 42.51 -13.02 -14.56
N ASN A 37 43.69 -13.13 -13.96
CA ASN A 37 44.93 -12.82 -14.67
C ASN A 37 45.13 -13.70 -15.93
N ALA A 38 44.92 -15.01 -15.80
CA ALA A 38 45.01 -15.96 -16.93
C ALA A 38 44.18 -15.53 -18.18
N CYS A 39 43.07 -14.85 -17.92
CA CYS A 39 42.22 -14.24 -18.95
C CYS A 39 42.89 -12.98 -19.53
N GLY A 60 34.56 -13.02 -15.99
CA GLY A 60 34.98 -11.62 -16.11
C GLY A 60 33.94 -10.67 -15.54
N THR A 61 33.24 -11.13 -14.51
CA THR A 61 31.99 -10.49 -14.06
C THR A 61 32.12 -9.50 -12.86
N PHE A 62 33.36 -9.17 -12.46
CA PHE A 62 33.57 -8.42 -11.22
C PHE A 62 33.32 -6.92 -11.36
N PHE A 63 33.76 -6.36 -12.48
CA PHE A 63 33.44 -5.00 -12.86
C PHE A 63 33.36 -4.85 -14.37
N THR A 64 32.49 -3.96 -14.84
CA THR A 64 32.36 -3.69 -16.28
C THR A 64 33.71 -3.19 -16.84
N ASP A 65 34.22 -3.84 -17.89
CA ASP A 65 35.53 -3.50 -18.42
C ASP A 65 35.55 -2.15 -19.11
N PHE A 66 36.72 -1.52 -19.06
CA PHE A 66 36.94 -0.22 -19.59
C PHE A 66 37.58 -0.41 -20.97
N GLU A 67 37.00 0.22 -21.99
CA GLU A 67 37.53 0.19 -23.39
C GLU A 67 38.72 1.16 -23.58
N LYS A 68 39.45 0.99 -24.68
CA LYS A 68 40.74 1.71 -24.92
C LYS A 68 40.77 3.21 -24.60
N GLY A 69 39.81 3.95 -25.15
CA GLY A 69 39.71 5.39 -24.86
C GLY A 69 38.97 5.77 -23.57
N GLU A 70 38.57 4.78 -22.76
CA GLU A 70 37.83 5.03 -21.50
C GLU A 70 38.72 5.18 -20.25
N GLU A 71 40.02 5.48 -20.44
CA GLU A 71 40.95 5.50 -19.33
C GLU A 71 40.82 6.73 -18.45
N ASP A 72 40.40 7.86 -19.02
CA ASP A 72 39.89 9.01 -18.23
C ASP A 72 38.83 8.55 -17.21
N LEU A 73 37.94 7.68 -17.65
CA LEU A 73 36.82 7.20 -16.83
C LEU A 73 37.36 6.34 -15.67
N LYS A 74 38.32 5.48 -16.00
CA LYS A 74 38.86 4.55 -15.02
C LYS A 74 39.59 5.36 -13.96
N ASN A 75 40.42 6.30 -14.40
CA ASN A 75 41.14 7.18 -13.47
C ASN A 75 40.22 8.05 -12.63
N LYS A 76 39.05 8.38 -13.11
CA LYS A 76 38.06 9.13 -12.36
C LYS A 76 37.44 8.24 -11.26
N ILE A 77 37.17 6.97 -11.58
CA ILE A 77 36.48 6.11 -10.61
C ILE A 77 37.42 5.58 -9.59
N TRP A 78 38.59 5.11 -10.03
CA TRP A 78 39.54 4.40 -9.13
C TRP A 78 40.46 5.43 -8.45
N ASN A 79 39.85 6.26 -7.61
CA ASN A 79 40.39 7.51 -7.20
C ASN A 79 39.66 7.85 -5.94
N GLU A 80 40.42 8.17 -4.90
CA GLU A 80 39.85 8.54 -3.60
C GLU A 80 38.76 9.61 -3.73
N ASP A 81 38.98 10.60 -4.63
CA ASP A 81 38.03 11.70 -4.79
C ASP A 81 36.68 11.18 -5.21
N PHE A 82 36.65 10.13 -6.01
CA PHE A 82 35.37 9.57 -6.47
C PHE A 82 34.45 9.24 -5.29
N PHE A 83 35.04 8.68 -4.22
CA PHE A 83 34.28 8.20 -3.05
C PHE A 83 34.13 9.25 -1.97
N VAL A 84 35.04 10.22 -1.96
CA VAL A 84 35.08 11.24 -0.91
C VAL A 84 34.40 12.54 -1.35
N LYS A 85 34.62 12.96 -2.59
CA LYS A 85 34.07 14.19 -3.08
C LYS A 85 32.90 14.05 -4.05
N ASP A 86 33.07 13.20 -5.06
CA ASP A 86 32.18 13.17 -6.20
C ASP A 86 30.84 12.50 -5.91
N LYS A 87 30.85 11.37 -5.21
CA LYS A 87 29.64 10.53 -5.10
C LYS A 87 29.34 10.26 -3.62
N LYS A 88 28.06 10.02 -3.30
CA LYS A 88 27.71 9.42 -2.01
C LYS A 88 27.70 7.90 -2.15
N VAL A 89 28.14 7.19 -1.12
CA VAL A 89 28.13 5.70 -1.07
C VAL A 89 27.01 5.24 -0.18
N ILE A 90 26.05 4.54 -0.78
CA ILE A 90 24.76 4.19 -0.18
C ILE A 90 24.42 2.71 -0.34
N PHE A 91 24.28 1.98 0.76
CA PHE A 91 23.68 0.66 0.73
C PHE A 91 22.16 0.84 0.66
N LEU A 92 21.46 0.14 -0.25
CA LEU A 92 20.02 0.24 -0.27
C LEU A 92 19.39 -0.85 0.65
N GLY A 93 18.87 -0.40 1.81
CA GLY A 93 18.25 -1.28 2.78
C GLY A 93 16.79 -1.46 2.46
N SER A 94 16.30 -2.70 2.51
CA SER A 94 14.92 -3.01 2.24
C SER A 94 14.11 -3.27 3.52
N THR A 95 12.96 -2.65 3.66
CA THR A 95 12.12 -2.92 4.83
C THR A 95 10.65 -2.86 4.47
N LEU A 96 9.86 -3.61 5.24
CA LEU A 96 8.41 -3.58 5.14
C LEU A 96 7.84 -2.84 6.34
N LYS A 97 8.70 -2.34 7.24
CA LYS A 97 8.22 -1.58 8.40
C LYS A 97 9.02 -0.26 8.45
N PRO A 98 8.84 0.61 7.47
CA PRO A 98 9.62 1.85 7.40
C PRO A 98 9.37 2.75 8.61
N GLU A 99 8.18 2.66 9.21
CA GLU A 99 7.91 3.38 10.46
C GLU A 99 8.84 3.04 11.66
N THR A 100 9.69 2.00 11.59
CA THR A 100 10.61 1.60 12.66
C THR A 100 12.07 2.11 12.44
N ALA A 101 12.29 2.90 11.39
CA ALA A 101 13.62 3.27 10.94
C ALA A 101 14.40 4.11 11.96
N TYR A 102 13.68 4.87 12.78
CA TYR A 102 14.27 5.66 13.80
C TYR A 102 15.05 4.79 14.79
N GLY A 103 14.55 3.58 15.06
CA GLY A 103 15.18 2.63 15.95
C GLY A 103 16.27 1.72 15.39
N GLN A 104 16.64 1.90 14.14
CA GLN A 104 17.73 1.13 13.52
C GLN A 104 19.03 1.26 14.30
N ASN A 105 19.58 0.12 14.73
CA ASN A 105 20.84 0.09 15.43
C ASN A 105 22.01 -0.52 14.66
N TYR A 106 21.73 -1.30 13.60
CA TYR A 106 22.74 -2.04 12.82
C TYR A 106 22.21 -2.15 11.38
N THR A 107 23.06 -2.55 10.46
CA THR A 107 22.66 -2.88 9.09
C THR A 107 23.09 -4.32 8.82
N PHE A 108 22.16 -5.18 8.39
CA PHE A 108 22.44 -6.60 8.13
C PHE A 108 22.73 -6.86 6.67
N ILE A 109 23.77 -7.68 6.43
CA ILE A 109 24.12 -8.11 5.07
C ILE A 109 24.44 -9.62 5.08
N ASN A 110 24.31 -10.28 3.94
CA ASN A 110 24.64 -11.71 3.87
C ASN A 110 26.13 -11.85 3.60
N PRO A 111 26.89 -12.31 4.59
CA PRO A 111 28.33 -12.27 4.44
C PRO A 111 28.90 -13.26 3.37
N ASN A 112 28.11 -14.21 2.94
CA ASN A 112 28.52 -15.24 2.00
C ASN A 112 28.15 -14.97 0.57
N GLU A 113 27.61 -13.82 0.28
CA GLU A 113 27.03 -13.53 -1.04
C GLU A 113 27.61 -12.26 -1.57
N TYR A 114 27.59 -12.14 -2.89
CA TYR A 114 28.15 -11.01 -3.58
C TYR A 114 27.19 -9.87 -3.64
N TYR A 115 27.70 -8.66 -3.49
CA TYR A 115 26.89 -7.48 -3.66
C TYR A 115 27.53 -6.66 -4.77
N TYR A 116 26.70 -5.92 -5.48
CA TYR A 116 27.10 -5.18 -6.66
C TYR A 116 27.11 -3.70 -6.28
N LEU A 117 28.07 -2.99 -6.89
CA LEU A 117 28.18 -1.56 -6.80
C LEU A 117 27.85 -0.98 -8.13
N THR A 118 26.91 -0.04 -8.12
CA THR A 118 26.59 0.64 -9.35
C THR A 118 26.21 2.09 -9.12
N LEU A 119 26.23 2.90 -10.16
CA LEU A 119 25.79 4.32 -10.05
C LEU A 119 24.28 4.50 -10.24
N GLY A 120 23.71 5.42 -9.51
CA GLY A 120 22.27 5.67 -9.60
C GLY A 120 21.92 7.10 -9.21
N PHE A 121 20.64 7.37 -9.33
CA PHE A 121 20.03 8.68 -9.15
C PHE A 121 19.49 8.76 -7.75
N ASP A 122 19.41 9.98 -7.29
CA ASP A 122 18.90 10.32 -5.98
C ASP A 122 17.39 10.30 -5.94
N LYS A 123 16.77 10.47 -7.11
CA LYS A 123 15.34 10.59 -7.26
C LYS A 123 14.96 9.65 -8.39
N GLN A 124 13.92 8.83 -8.19
CA GLN A 124 13.40 7.87 -9.17
C GLN A 124 12.30 8.42 -10.09
N ASN A 125 11.83 7.55 -11.01
CA ASN A 125 10.73 7.84 -11.99
C ASN A 125 9.44 8.37 -11.37
N LEU A 126 8.94 7.65 -10.37
CA LEU A 126 7.73 8.00 -9.61
C LEU A 126 7.64 9.48 -9.23
N HIS A 127 8.75 10.00 -8.68
CA HIS A 127 8.89 11.44 -8.42
C HIS A 127 8.72 12.18 -9.76
N ASN A 136 16.18 5.96 -19.52
CA ASN A 136 17.45 6.19 -18.84
C ASN A 136 18.54 5.24 -19.31
N ILE A 137 18.64 5.11 -20.62
CA ILE A 137 19.70 4.39 -21.27
C ILE A 137 20.77 5.43 -21.58
N MET A 138 21.99 5.22 -21.06
CA MET A 138 23.00 6.28 -21.04
C MET A 138 24.36 5.72 -21.34
N THR A 139 25.25 6.52 -21.91
CA THR A 139 26.67 6.10 -22.09
C THR A 139 27.35 6.10 -20.73
N LYS A 140 28.48 5.42 -20.70
CA LYS A 140 29.29 5.32 -19.48
C LYS A 140 29.72 6.65 -18.94
N GLU A 141 30.15 7.53 -19.85
CA GLU A 141 30.55 8.86 -19.44
C GLU A 141 29.36 9.64 -18.86
N GLU A 142 28.18 9.47 -19.43
CA GLU A 142 27.00 10.18 -18.95
C GLU A 142 26.60 9.72 -17.57
N ILE A 143 26.77 8.43 -17.31
CA ILE A 143 26.39 7.86 -16.02
C ILE A 143 27.29 8.48 -14.98
N ILE A 144 28.59 8.44 -15.23
CA ILE A 144 29.58 9.06 -14.34
C ILE A 144 29.32 10.54 -14.06
N ASN A 145 28.95 11.30 -15.08
CA ASN A 145 28.66 12.73 -14.88
C ASN A 145 27.28 13.08 -14.31
N SER A 146 26.33 12.11 -14.34
CA SER A 146 24.95 12.36 -14.05
C SER A 146 24.39 11.65 -12.80
N CYS A 147 25.03 10.57 -12.39
CA CYS A 147 24.56 9.81 -11.21
C CYS A 147 25.31 10.14 -9.94
N PRO A 148 24.62 10.71 -8.94
CA PRO A 148 25.32 11.20 -7.80
C PRO A 148 25.69 10.15 -6.77
N ASN A 149 25.12 8.94 -6.84
CA ASN A 149 25.23 7.98 -5.76
C ASN A 149 25.80 6.68 -6.22
N ILE A 150 26.67 6.07 -5.42
CA ILE A 150 27.10 4.69 -5.65
C ILE A 150 26.19 3.83 -4.80
N TYR A 151 25.38 2.97 -5.43
CA TYR A 151 24.54 2.01 -4.68
C TYR A 151 25.20 0.65 -4.54
N VAL A 152 25.02 0.06 -3.37
CA VAL A 152 25.37 -1.32 -3.08
C VAL A 152 24.05 -2.08 -2.93
N CYS A 153 23.97 -3.14 -3.71
CA CYS A 153 22.73 -3.95 -3.77
C CYS A 153 23.00 -5.34 -4.32
N SER A 154 22.02 -6.23 -4.19
CA SER A 154 22.12 -7.59 -4.69
C SER A 154 21.86 -7.58 -6.18
N GLU A 155 22.39 -8.62 -6.85
CA GLU A 155 22.13 -8.87 -8.28
C GLU A 155 20.65 -8.93 -8.57
N ASN A 156 19.90 -9.59 -7.71
CA ASN A 156 18.44 -9.67 -7.81
C ASN A 156 17.74 -8.32 -8.05
N SER A 157 18.20 -7.27 -7.38
CA SER A 157 17.47 -5.99 -7.43
C SER A 157 17.73 -5.14 -8.70
N LEU A 158 18.81 -5.42 -9.41
CA LEU A 158 19.41 -4.48 -10.37
C LEU A 158 18.43 -4.10 -11.46
N TYR A 159 17.80 -5.10 -12.09
CA TYR A 159 16.86 -4.84 -13.21
C TYR A 159 15.61 -4.19 -12.74
N ASN A 160 15.10 -4.63 -11.61
CA ASN A 160 14.00 -3.92 -10.96
C ASN A 160 14.34 -2.47 -10.61
N LEU A 161 15.60 -2.22 -10.18
CA LEU A 161 16.00 -0.84 -9.88
C LEU A 161 16.04 0.01 -11.18
N ALA A 162 16.62 -0.54 -12.25
CA ALA A 162 16.62 0.13 -13.57
C ALA A 162 15.21 0.43 -14.01
N TYR A 163 14.37 -0.60 -14.01
CA TYR A 163 12.99 -0.46 -14.42
C TYR A 163 12.26 0.68 -13.68
N GLN A 164 12.56 0.86 -12.40
CA GLN A 164 11.90 1.88 -11.60
C GLN A 164 12.58 3.26 -11.63
N GLY A 165 13.66 3.38 -12.40
CA GLY A 165 14.38 4.66 -12.58
C GLY A 165 15.36 5.07 -11.49
N ILE A 166 15.76 4.12 -10.65
CA ILE A 166 16.74 4.36 -9.59
C ILE A 166 18.16 4.21 -10.14
N ILE A 167 18.41 3.27 -11.05
CA ILE A 167 19.68 3.20 -11.76
C ILE A 167 19.44 3.25 -13.29
N PRO A 168 20.45 3.68 -14.08
CA PRO A 168 20.31 3.65 -15.55
C PRO A 168 20.82 2.33 -16.13
N LEU A 169 20.60 2.13 -17.41
CA LEU A 169 21.18 1.04 -18.16
C LEU A 169 22.28 1.65 -19.06
N LEU A 170 23.39 0.92 -19.27
CA LEU A 170 24.40 1.23 -20.30
C LEU A 170 23.92 1.10 -21.73
N LYS A 171 24.31 2.04 -22.59
CA LYS A 171 23.81 2.13 -23.97
C LYS A 171 24.46 1.12 -24.95
N ASP A 179 25.06 -4.61 -19.58
CA ASP A 179 23.97 -3.66 -19.75
C ASP A 179 23.62 -2.77 -18.53
N VAL A 180 24.04 -3.19 -17.34
CA VAL A 180 24.06 -2.34 -16.17
C VAL A 180 25.56 -2.15 -15.96
N PHE A 181 25.93 -0.91 -15.59
CA PHE A 181 27.29 -0.52 -15.34
C PHE A 181 27.69 -0.93 -13.91
N ILE A 182 28.56 -1.94 -13.82
CA ILE A 182 28.98 -2.46 -12.56
C ILE A 182 30.36 -1.93 -12.24
N LEU A 183 30.46 -1.23 -11.12
CA LEU A 183 31.78 -0.73 -10.63
C LEU A 183 32.61 -1.79 -9.97
N ASN A 184 31.92 -2.68 -9.28
CA ASN A 184 32.56 -3.73 -8.51
C ASN A 184 31.49 -4.73 -8.08
N LYS A 185 32.01 -5.87 -7.60
CA LYS A 185 31.23 -6.98 -7.10
C LYS A 185 31.97 -7.52 -5.93
N ILE A 186 31.41 -7.40 -4.72
CA ILE A 186 32.17 -7.65 -3.48
C ILE A 186 31.37 -8.56 -2.55
N LYS A 187 32.04 -9.56 -1.96
CA LYS A 187 31.41 -10.51 -1.03
C LYS A 187 31.03 -9.74 0.27
N GLY A 188 29.83 -10.01 0.81
CA GLY A 188 29.30 -9.26 1.96
C GLY A 188 30.20 -9.23 3.18
N GLU A 189 30.96 -10.32 3.39
CA GLU A 189 31.91 -10.39 4.51
C GLU A 189 32.88 -9.20 4.58
N HIS A 190 33.27 -8.65 3.45
CA HIS A 190 34.23 -7.57 3.46
C HIS A 190 33.69 -6.22 3.94
N PHE A 191 32.37 -6.07 4.02
CA PHE A 191 31.73 -4.86 4.47
C PHE A 191 31.39 -4.94 5.93
N VAL A 192 31.50 -6.13 6.50
CA VAL A 192 31.13 -6.33 7.91
C VAL A 192 32.09 -5.53 8.77
N GLY A 193 31.53 -4.80 9.72
CA GLY A 193 32.24 -3.79 10.49
C GLY A 193 32.13 -2.36 10.03
N LEU A 194 31.80 -2.08 8.77
CA LEU A 194 31.68 -0.70 8.31
C LEU A 194 30.57 0.02 9.08
N GLU A 195 30.81 1.28 9.38
CA GLU A 195 29.86 2.12 10.08
C GLU A 195 29.02 2.81 9.03
N THR A 196 27.69 2.75 9.21
CA THR A 196 26.73 3.39 8.33
C THR A 196 25.74 4.23 9.16
N TYR A 197 24.94 5.02 8.48
CA TYR A 197 23.87 5.80 9.12
C TYR A 197 22.76 6.06 8.13
N THR A 198 21.59 6.49 8.63
CA THR A 198 20.55 7.00 7.77
C THR A 198 20.20 8.39 8.26
N ASN A 199 19.40 9.09 7.47
CA ASN A 199 18.87 10.37 7.90
C ASN A 199 17.68 10.25 8.83
N ILE A 200 17.26 9.02 9.13
CA ILE A 200 16.11 8.80 9.98
C ILE A 200 16.49 8.29 11.32
N SER A 201 17.58 7.56 11.39
CA SER A 201 18.04 6.86 12.62
C SER A 201 18.46 7.78 13.79
N LYS A 202 18.07 7.37 15.00
CA LYS A 202 18.35 8.14 16.21
C LYS A 202 19.86 8.21 16.42
N ILE A 203 20.52 7.06 16.25
CA ILE A 203 22.01 6.92 16.29
C ILE A 203 22.59 6.84 14.88
N LYS A 204 23.84 7.23 14.73
CA LYS A 204 24.47 7.31 13.44
C LYS A 204 25.70 6.42 13.30
N ASN A 205 25.81 5.41 14.16
CA ASN A 205 26.90 4.45 14.11
C ASN A 205 26.34 3.04 13.90
N LEU A 206 25.75 2.82 12.75
CA LEU A 206 25.05 1.57 12.49
C LEU A 206 25.95 0.61 11.79
N TYR A 207 26.57 -0.30 12.52
CA TYR A 207 27.67 -1.07 11.93
C TYR A 207 27.07 -2.14 11.09
N ILE A 208 27.78 -2.59 10.06
CA ILE A 208 27.32 -3.75 9.25
C ILE A 208 27.64 -5.05 9.97
N LEU A 209 26.61 -5.86 10.12
CA LEU A 209 26.72 -7.17 10.74
C LEU A 209 26.28 -8.26 9.81
N PRO A 210 26.77 -9.47 10.04
CA PRO A 210 26.38 -10.54 9.12
C PRO A 210 25.02 -11.24 9.45
N MET A 211 24.19 -11.51 8.46
CA MET A 211 22.96 -12.29 8.68
C MET A 211 22.86 -13.28 7.53
N THR A 212 23.16 -14.55 7.79
CA THR A 212 23.18 -15.57 6.76
C THR A 212 21.81 -16.03 6.26
N THR A 213 20.74 -15.60 6.92
CA THR A 213 19.38 -15.98 6.53
C THR A 213 18.77 -15.03 5.54
N ILE A 214 19.43 -13.91 5.22
CA ILE A 214 18.92 -13.00 4.17
C ILE A 214 18.89 -13.77 2.86
N LYS A 215 17.73 -13.77 2.20
CA LYS A 215 17.60 -14.48 0.92
C LYS A 215 18.00 -13.55 -0.20
N MET A 216 18.81 -14.06 -1.10
CA MET A 216 19.31 -13.25 -2.18
C MET A 216 18.32 -13.02 -3.32
N ASN A 217 17.20 -13.75 -3.35
CA ASN A 217 16.16 -13.48 -4.34
C ASN A 217 15.05 -12.55 -3.85
N ILE A 218 15.21 -11.95 -2.67
CA ILE A 218 14.28 -10.96 -2.18
C ILE A 218 14.95 -9.59 -2.09
N SER A 219 14.34 -8.62 -2.75
CA SER A 219 14.71 -7.23 -2.65
C SER A 219 16.21 -7.01 -2.86
N THR A 220 16.80 -6.09 -2.09
CA THR A 220 18.21 -5.75 -2.25
C THR A 220 19.19 -6.59 -1.46
N GLY A 221 18.72 -7.49 -0.58
CA GLY A 221 19.57 -8.35 0.26
C GLY A 221 20.36 -7.58 1.36
N ILE A 222 19.92 -6.36 1.66
CA ILE A 222 20.40 -5.55 2.73
C ILE A 222 19.22 -5.15 3.61
N VAL A 223 19.33 -5.35 4.91
CA VAL A 223 18.18 -5.18 5.79
C VAL A 223 18.61 -4.27 6.94
N PRO A 224 17.81 -3.22 7.22
CA PRO A 224 18.01 -2.43 8.44
C PRO A 224 17.77 -3.31 9.64
N CYS A 225 18.61 -3.25 10.65
CA CYS A 225 18.35 -4.02 11.87
C CYS A 225 17.63 -3.11 12.83
N VAL A 226 16.42 -3.46 13.26
CA VAL A 226 15.71 -2.75 14.34
C VAL A 226 15.37 -3.82 15.40
N SER A 227 16.34 -4.10 16.25
CA SER A 227 16.20 -5.23 17.19
C SER A 227 15.11 -5.03 18.29
N SER A 228 14.65 -3.81 18.50
CA SER A 228 13.60 -3.56 19.49
C SER A 228 12.27 -4.08 18.97
N ASP A 229 12.02 -3.91 17.66
CA ASP A 229 10.70 -4.09 17.07
C ASP A 229 10.54 -5.32 16.15
N SER A 230 11.63 -6.04 15.87
CA SER A 230 11.64 -7.22 14.99
CA SER A 230 11.56 -7.23 15.04
C SER A 230 12.25 -8.40 15.72
N THR A 231 11.52 -9.50 15.79
CA THR A 231 12.11 -10.69 16.41
C THR A 231 13.24 -11.31 15.61
N ASP A 232 13.21 -11.33 14.29
CA ASP A 232 14.42 -11.95 13.69
C ASP A 232 15.66 -11.11 13.85
N ASP A 233 15.49 -9.78 13.87
CA ASP A 233 16.60 -8.87 14.04
C ASP A 233 17.15 -9.05 15.44
N TYR A 234 16.27 -9.10 16.44
CA TYR A 234 16.67 -9.39 17.79
C TYR A 234 17.40 -10.71 17.89
N ALA A 235 16.93 -11.74 17.21
CA ALA A 235 17.55 -13.06 17.27
C ALA A 235 18.96 -13.04 16.70
N CYS A 236 19.14 -12.33 15.60
CA CYS A 236 20.45 -12.29 14.95
C CYS A 236 21.43 -11.51 15.84
N LEU A 237 21.02 -10.33 16.34
CA LEU A 237 21.91 -9.54 17.20
C LEU A 237 22.26 -10.30 18.50
N GLU A 238 21.25 -10.94 19.09
CA GLU A 238 21.44 -11.80 20.25
C GLU A 238 22.41 -12.94 19.96
N ASP A 239 22.29 -13.66 18.84
CA ASP A 239 23.29 -14.70 18.47
C ASP A 239 24.69 -14.10 18.31
N ILE A 240 24.80 -12.90 17.73
CA ILE A 240 26.13 -12.27 17.58
C ILE A 240 26.71 -11.83 18.95
N ARG A 241 25.85 -11.30 19.83
CA ARG A 241 26.25 -10.96 21.21
C ARG A 241 26.69 -12.19 22.01
N LYS A 242 25.85 -13.20 22.08
CA LYS A 242 26.19 -14.47 22.75
C LYS A 242 27.50 -15.10 22.26
N LYS A 243 27.80 -15.01 20.97
CA LYS A 243 28.98 -15.70 20.40
C LYS A 243 29.96 -14.71 19.87
N LYS A 244 30.23 -13.72 20.70
CA LYS A 244 30.97 -12.53 20.27
C LYS A 244 32.43 -12.85 19.97
N ASN A 245 32.99 -13.87 20.63
CA ASN A 245 34.39 -14.25 20.36
C ASN A 245 34.57 -14.84 18.99
N TYR A 246 33.68 -15.75 18.66
CA TYR A 246 33.58 -16.30 17.30
C TYR A 246 33.38 -15.22 16.21
N TYR A 247 32.41 -14.32 16.41
CA TYR A 247 32.17 -13.25 15.40
C TYR A 247 33.31 -12.20 15.30
N CYS A 248 33.84 -11.75 16.43
CA CYS A 248 34.98 -10.80 16.44
C CYS A 248 36.26 -11.44 15.92
N GLU A 249 36.40 -12.74 16.12
CA GLU A 249 37.52 -13.49 15.55
C GLU A 249 37.37 -13.69 14.06
N LYS A 250 36.14 -13.93 13.57
CA LYS A 250 35.94 -14.28 12.16
C LYS A 250 35.79 -13.07 11.22
N TYR A 251 35.32 -11.95 11.77
CA TYR A 251 35.03 -10.77 10.97
C TYR A 251 35.79 -9.57 11.57
N ASN A 252 35.78 -8.45 10.86
CA ASN A 252 36.34 -7.20 11.38
C ASN A 252 35.35 -6.51 12.34
N LEU A 253 35.01 -7.23 13.40
CA LEU A 253 34.22 -6.73 14.51
C LEU A 253 35.02 -6.75 15.82
N LYS A 254 34.74 -5.75 16.68
CA LYS A 254 35.25 -5.73 18.02
C LYS A 254 34.03 -5.61 18.88
N GLU A 255 34.07 -6.19 20.05
CA GLU A 255 32.85 -6.38 20.84
C GLU A 255 32.18 -5.10 21.32
N GLU A 256 32.92 -4.00 21.32
CA GLU A 256 32.37 -2.70 21.68
C GLU A 256 31.52 -2.05 20.55
N GLN A 257 31.52 -2.65 19.36
CA GLN A 257 30.60 -2.28 18.29
C GLN A 257 29.25 -2.96 18.50
N LEU A 258 29.18 -3.93 19.40
CA LEU A 258 27.99 -4.75 19.62
C LEU A 258 27.09 -4.22 20.73
N LYS A 259 27.15 -2.94 21.06
CA LYS A 259 26.40 -2.45 22.23
C LYS A 259 25.39 -1.36 21.94
N ASN A 260 24.99 -1.24 20.66
CA ASN A 260 24.00 -0.27 20.21
C ASN A 260 22.59 -0.67 20.62
N ASN A 261 21.93 0.25 21.34
CA ASN A 261 20.50 0.19 21.71
CA ASN A 261 20.51 0.08 21.68
C ASN A 261 19.61 0.51 20.50
N SER A 262 18.54 -0.24 20.30
CA SER A 262 17.50 0.11 19.32
C SER A 262 16.35 0.77 20.12
N GLU A 263 15.99 2.00 19.77
CA GLU A 263 14.87 2.68 20.40
C GLU A 263 13.60 2.02 19.85
N SER A 264 12.75 1.53 20.72
CA SER A 264 11.50 0.90 20.34
C SER A 264 10.50 1.92 19.75
N CYS A 265 10.00 1.64 18.55
CA CYS A 265 9.14 2.58 17.87
C CYS A 265 7.70 2.20 17.99
N ILE A 266 7.41 1.01 18.54
CA ILE A 266 6.03 0.41 18.49
C ILE A 266 5.67 -0.28 19.82
N GLU A 267 4.53 0.09 20.38
CA GLU A 267 4.05 -0.59 21.56
C GLU A 267 2.75 -1.34 21.16
N LEU A 268 2.56 -2.55 21.67
CA LEU A 268 1.34 -3.28 21.48
C LEU A 268 0.59 -3.17 22.80
N PRO A 269 -0.70 -2.86 22.77
CA PRO A 269 -1.32 -2.84 24.10
C PRO A 269 -1.29 -4.27 24.70
N GLU A 270 -1.19 -4.36 26.01
CA GLU A 270 -1.04 -5.67 26.75
C GLU A 270 0.39 -6.20 26.85
N ILE A 271 1.25 -5.87 25.88
CA ILE A 271 2.63 -6.29 25.84
C ILE A 271 3.56 -5.14 26.27
N GLY A 272 3.39 -3.93 25.70
CA GLY A 272 4.32 -2.79 25.89
C GLY A 272 5.19 -2.67 24.62
N ASN A 273 6.35 -2.06 24.74
CA ASN A 273 7.29 -1.97 23.60
C ASN A 273 8.37 -3.06 23.65
N ASN A 274 9.40 -2.96 22.78
CA ASN A 274 10.42 -4.02 22.68
C ASN A 274 9.77 -5.38 22.42
N THR A 275 8.81 -5.36 21.48
CA THR A 275 8.05 -6.50 21.13
C THR A 275 8.88 -7.55 20.42
N GLY A 276 9.94 -7.16 19.71
CA GLY A 276 10.86 -8.15 19.20
C GLY A 276 11.44 -9.09 20.28
N LYS A 277 11.94 -8.50 21.37
CA LYS A 277 12.40 -9.30 22.50
C LYS A 277 11.24 -10.12 23.10
N TYR A 278 10.09 -9.49 23.29
CA TYR A 278 8.98 -10.18 23.93
C TYR A 278 8.69 -11.49 23.19
N TYR A 279 8.58 -11.44 21.87
CA TYR A 279 8.27 -12.67 21.14
C TYR A 279 9.46 -13.66 21.06
N TYR A 280 10.67 -13.15 21.02
CA TYR A 280 11.83 -14.02 21.06
C TYR A 280 11.80 -14.93 22.30
N GLU A 281 11.52 -14.30 23.43
CA GLU A 281 11.42 -15.03 24.72
C GLU A 281 10.17 -15.88 24.86
N LYS A 282 9.02 -15.31 24.50
CA LYS A 282 7.74 -16.02 24.64
C LYS A 282 7.78 -17.33 23.90
N GLU A 283 8.34 -17.31 22.68
CA GLU A 283 8.44 -18.47 21.82
C GLU A 283 9.71 -19.29 21.96
N LYS A 284 10.60 -18.91 22.88
CA LYS A 284 11.85 -19.63 23.12
C LYS A 284 12.65 -19.93 21.86
N VAL A 285 12.71 -18.92 21.00
CA VAL A 285 13.44 -19.02 19.75
C VAL A 285 14.84 -19.59 19.97
N SER A 286 15.24 -20.54 19.14
CA SER A 286 16.50 -21.25 19.41
C SER A 286 17.77 -20.58 18.90
N SER A 287 17.63 -19.81 17.81
CA SER A 287 18.72 -19.16 17.11
C SER A 287 18.04 -18.27 16.08
N TYR A 288 18.82 -17.41 15.41
CA TYR A 288 18.27 -16.61 14.31
C TYR A 288 17.97 -17.43 13.07
N LYS A 289 18.37 -18.70 13.05
CA LYS A 289 18.07 -19.57 11.94
C LYS A 289 16.97 -20.57 12.29
N ASP A 290 16.24 -20.34 13.39
CA ASP A 290 15.14 -21.18 13.81
C ASP A 290 14.05 -21.07 12.76
N VAL A 291 13.62 -22.23 12.24
CA VAL A 291 12.58 -22.28 11.22
C VAL A 291 11.24 -21.70 11.70
N LYS A 292 10.97 -21.65 13.01
CA LYS A 292 9.73 -21.05 13.48
C LYS A 292 9.74 -19.53 13.39
N LEU A 293 10.91 -18.89 13.21
CA LEU A 293 10.95 -17.42 13.06
C LEU A 293 10.11 -16.90 11.90
N GLN A 294 10.05 -17.65 10.80
CA GLN A 294 9.25 -17.23 9.63
C GLN A 294 7.79 -16.95 9.98
N LYS A 295 7.14 -17.87 10.69
CA LYS A 295 5.81 -17.63 11.22
C LYS A 295 5.78 -16.51 12.26
N ILE A 296 6.71 -16.52 13.21
CA ILE A 296 6.73 -15.50 14.27
C ILE A 296 6.84 -14.12 13.62
N LYS A 297 7.72 -14.02 12.63
CA LYS A 297 7.96 -12.76 11.89
C LYS A 297 6.63 -12.27 11.31
N GLU A 298 5.91 -13.15 10.65
CA GLU A 298 4.68 -12.77 9.96
C GLU A 298 3.53 -12.50 10.95
N VAL A 299 3.47 -13.23 12.06
CA VAL A 299 2.45 -12.95 13.08
C VAL A 299 2.69 -11.58 13.76
N LEU A 300 3.94 -11.27 14.02
CA LEU A 300 4.29 -10.00 14.66
C LEU A 300 4.05 -8.82 13.71
N TYR A 301 4.43 -8.99 12.46
CA TYR A 301 4.24 -8.00 11.43
C TYR A 301 2.78 -7.54 11.36
N LYS A 302 1.87 -8.53 11.37
CA LYS A 302 0.44 -8.24 11.27
C LYS A 302 -0.15 -7.63 12.52
N LYS A 303 0.22 -8.15 13.66
CA LYS A 303 -0.22 -7.60 14.93
C LYS A 303 0.25 -6.14 15.15
N GLN A 304 1.50 -5.85 14.82
CA GLN A 304 1.97 -4.47 14.94
C GLN A 304 1.20 -3.55 14.03
N TYR A 305 0.94 -4.02 12.82
CA TYR A 305 0.27 -3.24 11.84
C TYR A 305 -1.14 -2.89 12.32
N PHE A 306 -1.89 -3.90 12.74
CA PHE A 306 -3.28 -3.67 13.18
C PHE A 306 -3.46 -3.17 14.59
N GLU A 307 -2.51 -3.40 15.49
CA GLU A 307 -2.75 -3.07 16.90
C GLU A 307 -1.70 -2.16 17.53
N GLY A 308 -0.59 -1.89 16.83
CA GLY A 308 0.46 -1.10 17.42
C GLY A 308 0.17 0.38 17.53
N ILE A 309 0.78 0.99 18.52
CA ILE A 309 0.77 2.44 18.68
C ILE A 309 2.20 2.90 18.56
N MET A 310 2.42 3.99 17.84
CA MET A 310 3.79 4.54 17.70
C MET A 310 4.26 5.25 18.99
N THR A 311 5.53 5.10 19.26
CA THR A 311 6.12 5.72 20.47
C THR A 311 7.27 6.69 20.18
N VAL A 312 7.47 7.05 18.95
CA VAL A 312 8.56 7.92 18.57
C VAL A 312 8.11 9.06 17.71
N ASP A 313 8.81 10.19 17.83
CA ASP A 313 8.55 11.32 16.95
C ASP A 313 8.77 10.93 15.48
N PRO A 314 8.01 11.51 14.55
CA PRO A 314 6.96 12.52 14.78
C PRO A 314 5.57 11.89 14.89
N TYR A 315 5.50 10.64 15.34
CA TYR A 315 4.29 9.86 15.25
C TYR A 315 3.76 9.47 16.63
N LYS A 316 4.28 10.03 17.74
CA LYS A 316 3.85 9.57 19.07
C LYS A 316 2.32 9.49 19.23
N GLY A 317 1.86 8.32 19.67
CA GLY A 317 0.43 8.13 19.94
C GLY A 317 -0.40 7.76 18.75
N MET A 318 0.15 7.85 17.55
N MET A 318 0.16 7.86 17.55
CA MET A 318 -0.56 7.50 16.34
C MET A 318 -0.55 5.99 16.16
N LYS A 319 -1.54 5.47 15.43
CA LYS A 319 -1.61 4.05 15.19
C LYS A 319 -0.62 3.66 14.14
N THR A 320 0.08 2.55 14.37
CA THR A 320 1.05 1.97 13.40
C THR A 320 0.43 1.78 12.03
N PHE A 321 -0.85 1.42 12.02
CA PHE A 321 -1.60 1.21 10.79
C PHE A 321 -1.59 2.48 9.89
N ASN A 322 -1.75 3.65 10.48
CA ASN A 322 -1.69 4.89 9.73
C ASN A 322 -0.24 5.32 9.47
N CYS A 323 0.64 5.17 10.46
CA CYS A 323 2.03 5.62 10.35
CA CYS A 323 2.02 5.65 10.31
C CYS A 323 2.84 4.85 9.29
N ARG A 324 2.51 3.55 9.09
CA ARG A 324 3.05 2.75 7.97
C ARG A 324 3.00 3.54 6.65
N LYS A 325 1.83 4.11 6.37
CA LYS A 325 1.59 4.96 5.19
C LYS A 325 2.39 6.26 5.24
N LEU A 326 2.26 7.01 6.33
CA LEU A 326 2.89 8.31 6.49
C LEU A 326 4.42 8.16 6.40
N ALA A 327 4.97 7.12 7.01
CA ALA A 327 6.44 6.85 7.00
C ALA A 327 6.99 6.63 5.62
N LYS A 328 6.34 5.79 4.83
CA LYS A 328 6.66 5.63 3.41
C LYS A 328 6.67 6.95 2.72
N GLN A 329 5.56 7.68 2.85
CA GLN A 329 5.38 8.95 2.17
C GLN A 329 6.50 9.90 2.52
N ASN A 330 6.78 10.07 3.80
CA ASN A 330 7.84 10.97 4.30
C ASN A 330 9.24 10.64 3.81
N ILE A 331 9.57 9.35 3.89
CA ILE A 331 10.85 8.88 3.45
C ILE A 331 11.01 9.20 1.99
N ILE A 332 9.97 8.97 1.20
CA ILE A 332 10.11 9.17 -0.24
C ILE A 332 10.19 10.65 -0.58
N ARG A 333 9.38 11.44 0.12
CA ARG A 333 9.35 12.89 -0.08
C ARG A 333 10.66 13.57 0.33
N ASN A 334 11.22 13.15 1.46
CA ASN A 334 12.53 13.64 1.96
C ASN A 334 13.77 13.10 1.24
N LEU A 335 13.57 12.33 0.19
CA LEU A 335 14.65 11.72 -0.60
C LEU A 335 15.55 10.84 0.23
N ASP A 336 14.98 10.25 1.26
CA ASP A 336 15.68 9.30 2.13
C ASP A 336 15.51 7.82 1.69
N GLY A 337 14.71 7.59 0.66
CA GLY A 337 14.40 6.26 0.18
C GLY A 337 13.57 6.22 -1.07
N PHE A 338 13.15 5.00 -1.42
CA PHE A 338 12.46 4.70 -2.61
C PHE A 338 11.43 3.67 -2.31
N LEU A 339 10.44 3.59 -3.19
CA LEU A 339 9.48 2.51 -3.22
C LEU A 339 9.99 1.55 -4.25
N TYR A 340 9.99 0.27 -3.93
CA TYR A 340 10.56 -0.78 -4.78
C TYR A 340 9.55 -1.99 -4.85
N SER A 341 9.29 -2.50 -6.05
CA SER A 341 8.54 -3.73 -6.28
C SER A 341 9.37 -4.69 -7.11
N GLU A 342 9.16 -5.98 -6.88
CA GLU A 342 9.69 -7.00 -7.77
C GLU A 342 8.66 -8.12 -7.97
N GLN B 6 -8.73 11.78 7.44
CA GLN B 6 -9.87 11.99 6.50
C GLN B 6 -10.92 10.88 6.65
N GLU B 7 -12.11 11.26 7.16
CA GLU B 7 -13.16 10.30 7.49
C GLU B 7 -14.31 10.27 6.47
N TYR B 8 -14.48 9.13 5.81
CA TYR B 8 -15.58 8.94 4.88
C TYR B 8 -16.74 8.22 5.54
N THR B 9 -17.90 8.42 4.97
CA THR B 9 -19.03 7.60 5.30
C THR B 9 -19.19 6.61 4.16
N LEU B 10 -19.17 5.36 4.53
CA LEU B 10 -19.48 4.27 3.60
C LEU B 10 -20.98 4.00 3.63
N ILE B 11 -21.64 4.00 2.48
CA ILE B 11 -23.08 3.67 2.40
C ILE B 11 -23.22 2.29 1.78
N LYS B 12 -24.11 1.51 2.36
CA LYS B 12 -24.38 0.17 1.83
C LYS B 12 -25.26 0.32 0.59
N ILE B 13 -24.72 0.01 -0.59
CA ILE B 13 -25.50 0.12 -1.83
C ILE B 13 -25.87 -1.29 -2.29
N PHE B 14 -27.10 -1.66 -2.03
CA PHE B 14 -27.57 -3.03 -2.27
C PHE B 14 -27.81 -3.30 -3.75
N VAL B 15 -27.53 -4.52 -4.19
CA VAL B 15 -27.91 -4.97 -5.55
C VAL B 15 -29.38 -5.34 -5.60
N SER B 16 -30.13 -4.82 -6.57
CA SER B 16 -31.56 -5.13 -6.74
C SER B 16 -31.71 -6.51 -7.33
N ASN B 17 -30.97 -6.80 -8.41
CA ASN B 17 -31.15 -8.07 -9.15
C ASN B 17 -29.95 -8.93 -8.92
N VAL B 18 -30.00 -9.63 -7.80
CA VAL B 18 -28.93 -10.54 -7.37
C VAL B 18 -28.71 -11.79 -8.25
N LYS B 19 -29.77 -12.22 -8.96
CA LYS B 19 -29.65 -13.31 -9.92
C LYS B 19 -28.80 -12.88 -11.09
N ASP B 20 -28.91 -11.61 -11.52
CA ASP B 20 -28.03 -11.10 -12.62
C ASP B 20 -26.61 -10.95 -12.10
N PHE B 21 -26.50 -10.56 -10.86
CA PHE B 21 -25.22 -10.53 -10.18
C PHE B 21 -24.56 -11.92 -10.16
N TYR B 22 -25.35 -12.97 -9.85
CA TYR B 22 -24.85 -14.34 -9.89
C TYR B 22 -24.29 -14.73 -11.27
N SER B 23 -24.96 -14.31 -12.34
CA SER B 23 -24.53 -14.57 -13.71
C SER B 23 -23.20 -13.90 -14.03
N ILE B 24 -23.11 -12.63 -13.66
CA ILE B 24 -21.85 -11.90 -13.73
C ILE B 24 -20.73 -12.62 -12.94
N PHE B 25 -21.04 -13.02 -11.72
CA PHE B 25 -20.03 -13.66 -10.86
C PHE B 25 -19.53 -14.96 -11.51
N MET B 26 -20.46 -15.82 -12.00
CA MET B 26 -20.08 -17.09 -12.60
C MET B 26 -19.35 -16.95 -13.94
N ASN B 27 -19.72 -15.96 -14.71
CA ASN B 27 -18.96 -15.62 -15.92
C ASN B 27 -17.54 -15.27 -15.60
N SER B 28 -17.37 -14.49 -14.54
CA SER B 28 -16.01 -14.16 -14.11
C SER B 28 -15.24 -15.31 -13.60
N ILE B 29 -15.86 -16.18 -12.80
CA ILE B 29 -15.13 -17.36 -12.30
C ILE B 29 -14.58 -18.15 -13.56
N ARG B 30 -15.47 -18.36 -14.54
CA ARG B 30 -15.20 -19.18 -15.72
C ARG B 30 -14.12 -18.55 -16.60
N SER B 31 -14.18 -17.24 -16.87
CA SER B 31 -13.11 -16.59 -17.63
C SER B 31 -11.82 -16.64 -16.85
N SER B 32 -11.88 -16.50 -15.53
CA SER B 32 -10.67 -16.64 -14.70
C SER B 32 -10.09 -18.05 -14.70
N GLN B 33 -10.95 -19.08 -14.74
CA GLN B 33 -10.46 -20.44 -14.93
C GLN B 33 -9.89 -20.65 -16.33
N SER B 34 -10.42 -19.92 -17.31
CA SER B 34 -9.95 -20.01 -18.67
C SER B 34 -8.58 -19.39 -18.83
N VAL B 35 -8.43 -18.11 -18.44
CA VAL B 35 -7.15 -17.39 -18.53
C VAL B 35 -6.04 -18.15 -17.78
N LEU B 36 -6.35 -18.66 -16.59
CA LEU B 36 -5.36 -19.38 -15.78
C LEU B 36 -5.28 -20.88 -16.08
N ASN B 37 -5.80 -21.32 -17.24
CA ASN B 37 -5.81 -22.75 -17.58
C ASN B 37 -4.42 -23.45 -17.49
N ALA B 38 -3.35 -22.75 -17.90
CA ALA B 38 -1.97 -23.30 -17.86
C ALA B 38 -1.38 -23.65 -16.46
N CYS B 39 -1.66 -22.80 -15.47
CA CYS B 39 -0.92 -22.78 -14.21
C CYS B 39 -1.35 -23.85 -13.19
N THR B 61 -5.39 -15.94 -7.91
CA THR B 61 -5.13 -14.55 -8.30
C THR B 61 -6.43 -13.77 -8.68
N PHE B 62 -7.47 -14.45 -9.16
CA PHE B 62 -8.81 -13.82 -9.36
C PHE B 62 -9.83 -14.15 -8.26
N PHE B 63 -9.54 -15.23 -7.55
CA PHE B 63 -10.30 -15.66 -6.38
C PHE B 63 -9.39 -16.53 -5.54
N THR B 64 -9.60 -16.50 -4.23
CA THR B 64 -8.80 -17.33 -3.31
C THR B 64 -9.08 -18.81 -3.65
N ASP B 65 -8.05 -19.57 -3.99
CA ASP B 65 -8.25 -20.94 -4.44
C ASP B 65 -8.73 -21.83 -3.27
N PHE B 66 -9.53 -22.83 -3.61
CA PHE B 66 -10.08 -23.79 -2.64
C PHE B 66 -9.10 -24.93 -2.50
N GLU B 67 -8.69 -25.24 -1.27
CA GLU B 67 -7.82 -26.38 -0.98
C GLU B 67 -8.59 -27.70 -0.98
N LYS B 68 -7.83 -28.78 -1.06
CA LYS B 68 -8.36 -30.13 -1.33
C LYS B 68 -9.70 -30.52 -0.66
N GLY B 69 -9.81 -30.33 0.66
CA GLY B 69 -11.04 -30.65 1.38
C GLY B 69 -12.05 -29.53 1.57
N GLU B 70 -12.02 -28.52 0.70
CA GLU B 70 -12.92 -27.37 0.81
C GLU B 70 -13.94 -27.34 -0.33
N GLU B 71 -14.25 -28.49 -0.92
CA GLU B 71 -15.19 -28.54 -2.04
C GLU B 71 -16.65 -28.22 -1.62
N ASP B 72 -17.02 -28.56 -0.40
CA ASP B 72 -18.33 -28.16 0.15
C ASP B 72 -18.46 -26.63 0.26
N LEU B 73 -17.36 -25.96 0.55
CA LEU B 73 -17.35 -24.48 0.57
C LEU B 73 -17.58 -23.91 -0.81
N LYS B 74 -16.89 -24.50 -1.79
CA LYS B 74 -16.98 -24.02 -3.16
C LYS B 74 -18.38 -24.26 -3.67
N ASN B 75 -18.90 -25.45 -3.42
CA ASN B 75 -20.27 -25.75 -3.83
C ASN B 75 -21.32 -24.85 -3.12
N LYS B 76 -20.99 -24.36 -1.94
CA LYS B 76 -21.86 -23.44 -1.24
C LYS B 76 -21.80 -22.04 -1.85
N ILE B 77 -20.61 -21.56 -2.22
CA ILE B 77 -20.47 -20.20 -2.75
C ILE B 77 -20.90 -20.10 -4.18
N TRP B 78 -20.41 -21.04 -5.01
CA TRP B 78 -20.75 -21.06 -6.43
C TRP B 78 -22.17 -21.74 -6.73
N ASN B 79 -23.20 -20.99 -6.41
CA ASN B 79 -24.50 -21.57 -6.14
C ASN B 79 -25.41 -20.40 -6.03
N GLU B 80 -26.48 -20.40 -6.80
CA GLU B 80 -27.48 -19.32 -6.80
C GLU B 80 -27.98 -18.97 -5.40
N ASP B 81 -28.10 -19.98 -4.55
CA ASP B 81 -28.59 -19.76 -3.16
C ASP B 81 -27.73 -18.80 -2.36
N PHE B 82 -26.43 -18.86 -2.59
CA PHE B 82 -25.48 -17.96 -1.88
C PHE B 82 -25.77 -16.48 -2.04
N PHE B 83 -26.22 -16.09 -3.25
CA PHE B 83 -26.49 -14.73 -3.68
C PHE B 83 -27.93 -14.33 -3.48
N VAL B 84 -28.84 -15.30 -3.49
CA VAL B 84 -30.29 -15.06 -3.37
C VAL B 84 -30.84 -15.29 -1.96
N LYS B 85 -30.35 -16.29 -1.25
CA LYS B 85 -30.81 -16.57 0.10
C LYS B 85 -29.79 -16.32 1.19
N ASP B 86 -28.52 -16.69 0.99
CA ASP B 86 -27.58 -16.77 2.10
C ASP B 86 -27.04 -15.37 2.45
N LYS B 87 -26.77 -14.54 1.45
CA LYS B 87 -25.97 -13.31 1.67
C LYS B 87 -26.66 -12.13 1.02
N LYS B 88 -26.38 -10.91 1.52
CA LYS B 88 -26.78 -9.68 0.84
C LYS B 88 -25.58 -9.26 0.02
N VAL B 89 -25.82 -8.73 -1.16
CA VAL B 89 -24.75 -8.25 -2.05
C VAL B 89 -24.73 -6.75 -2.01
N ILE B 90 -23.63 -6.19 -1.48
CA ILE B 90 -23.48 -4.77 -1.22
C ILE B 90 -22.21 -4.16 -1.83
N PHE B 91 -22.37 -3.13 -2.68
CA PHE B 91 -21.27 -2.21 -3.07
C PHE B 91 -21.07 -1.22 -1.92
N LEU B 92 -19.84 -1.03 -1.44
CA LEU B 92 -19.57 -0.02 -0.48
C LEU B 92 -19.28 1.36 -1.13
N GLY B 93 -20.27 2.24 -1.13
CA GLY B 93 -20.15 3.58 -1.66
C GLY B 93 -19.56 4.52 -0.63
N SER B 94 -18.71 5.43 -1.09
CA SER B 94 -17.94 6.28 -0.21
C SER B 94 -18.32 7.75 -0.47
N THR B 95 -18.63 8.49 0.58
CA THR B 95 -19.02 9.89 0.45
C THR B 95 -18.42 10.68 1.61
N LEU B 96 -18.13 11.97 1.37
CA LEU B 96 -17.89 12.95 2.43
C LEU B 96 -19.12 13.83 2.67
N LYS B 97 -20.21 13.59 1.93
CA LYS B 97 -21.44 14.32 2.19
C LYS B 97 -22.58 13.35 2.40
N PRO B 98 -22.58 12.61 3.52
CA PRO B 98 -23.66 11.64 3.80
C PRO B 98 -25.06 12.27 3.89
N GLU B 99 -25.12 13.57 4.24
CA GLU B 99 -26.42 14.26 4.27
C GLU B 99 -27.14 14.44 2.90
N THR B 100 -26.45 14.11 1.81
CA THR B 100 -26.98 14.17 0.49
C THR B 100 -27.54 12.83 -0.01
N ALA B 101 -27.43 11.76 0.78
CA ALA B 101 -27.76 10.38 0.33
C ALA B 101 -29.18 10.19 -0.15
N TYR B 102 -30.12 10.97 0.39
CA TYR B 102 -31.49 10.91 -0.02
C TYR B 102 -31.63 11.19 -1.53
N GLY B 103 -30.75 12.04 -2.04
CA GLY B 103 -30.78 12.45 -3.44
C GLY B 103 -29.96 11.60 -4.39
N GLN B 104 -29.41 10.49 -3.93
CA GLN B 104 -28.62 9.62 -4.85
C GLN B 104 -29.48 9.13 -6.00
N ASN B 105 -29.00 9.33 -7.25
CA ASN B 105 -29.72 8.87 -8.44
C ASN B 105 -29.03 7.75 -9.23
N TYR B 106 -27.73 7.58 -9.02
CA TYR B 106 -26.87 6.59 -9.65
C TYR B 106 -25.74 6.21 -8.67
N THR B 107 -24.99 5.19 -9.07
CA THR B 107 -23.84 4.69 -8.37
C THR B 107 -22.71 4.66 -9.39
N PHE B 108 -21.60 5.32 -9.08
CA PHE B 108 -20.47 5.38 -10.05
C PHE B 108 -19.37 4.38 -9.69
N ILE B 109 -18.83 3.75 -10.72
CA ILE B 109 -17.68 2.82 -10.56
C ILE B 109 -16.65 3.16 -11.62
N ASN B 110 -15.42 2.73 -11.42
CA ASN B 110 -14.40 2.92 -12.49
C ASN B 110 -14.44 1.72 -13.39
N PRO B 111 -14.87 1.93 -14.63
CA PRO B 111 -15.10 0.74 -15.49
C PRO B 111 -13.80 -0.01 -15.97
N ASN B 112 -12.66 0.67 -15.83
CA ASN B 112 -11.38 0.17 -16.28
C ASN B 112 -10.63 -0.58 -15.22
N GLU B 113 -11.13 -0.64 -13.97
CA GLU B 113 -10.35 -1.18 -12.84
C GLU B 113 -11.05 -2.34 -12.21
N TYR B 114 -10.27 -3.18 -11.54
CA TYR B 114 -10.80 -4.35 -10.87
C TYR B 114 -11.38 -4.04 -9.52
N TYR B 115 -12.51 -4.65 -9.24
CA TYR B 115 -13.05 -4.62 -7.89
C TYR B 115 -13.12 -6.05 -7.29
N TYR B 116 -12.99 -6.12 -5.98
CA TYR B 116 -12.89 -7.34 -5.23
C TYR B 116 -14.20 -7.59 -4.56
N LEU B 117 -14.59 -8.86 -4.48
CA LEU B 117 -15.72 -9.29 -3.72
C LEU B 117 -15.19 -10.06 -2.57
N THR B 118 -15.69 -9.75 -1.38
CA THR B 118 -15.26 -10.42 -0.16
C THR B 118 -16.39 -10.38 0.87
N LEU B 119 -16.42 -11.39 1.74
CA LEU B 119 -17.46 -11.44 2.77
C LEU B 119 -17.14 -10.51 3.95
N GLY B 120 -18.15 -9.88 4.50
CA GLY B 120 -18.00 -9.05 5.68
C GLY B 120 -19.22 -8.92 6.54
N PHE B 121 -19.07 -8.10 7.56
CA PHE B 121 -19.98 -8.04 8.68
C PHE B 121 -20.91 -6.88 8.49
N ASP B 122 -22.09 -7.01 9.08
CA ASP B 122 -23.06 -5.95 9.06
C ASP B 122 -22.68 -4.80 10.01
N LYS B 123 -21.92 -5.11 11.05
CA LYS B 123 -21.46 -4.12 12.04
C LYS B 123 -19.95 -4.10 12.07
N GLN B 124 -19.41 -2.91 12.26
CA GLN B 124 -17.98 -2.68 12.54
C GLN B 124 -17.71 -2.60 14.03
N ASN B 125 -16.41 -2.53 14.35
CA ASN B 125 -15.97 -2.52 15.76
C ASN B 125 -16.60 -1.40 16.58
N LEU B 126 -16.72 -0.22 15.97
CA LEU B 126 -17.44 0.96 16.56
C LEU B 126 -18.89 0.70 17.03
N HIS B 127 -19.60 -0.25 16.44
CA HIS B 127 -20.96 -0.54 16.89
C HIS B 127 -21.01 -1.29 18.23
N TYR B 128 -19.92 -2.00 18.56
CA TYR B 128 -19.79 -2.75 19.81
C TYR B 128 -19.10 -1.95 20.94
N GLY B 129 -18.69 -0.71 20.67
CA GLY B 129 -18.02 0.16 21.66
C GLY B 129 -16.54 0.42 21.42
N ASP B 130 -15.76 -0.65 21.23
CA ASP B 130 -14.29 -0.54 21.15
C ASP B 130 -13.83 0.23 19.92
N LYS B 131 -13.11 1.33 20.15
CA LYS B 131 -12.74 2.28 19.07
C LYS B 131 -11.48 1.88 18.29
N SER B 132 -10.75 0.90 18.79
CA SER B 132 -9.58 0.38 18.07
C SER B 132 -9.79 -1.08 17.68
N TYR B 133 -8.87 -1.60 16.87
CA TYR B 133 -8.91 -2.94 16.29
C TYR B 133 -9.38 -4.07 17.23
N VAL B 134 -10.10 -5.01 16.64
CA VAL B 134 -10.45 -6.28 17.29
C VAL B 134 -9.98 -7.41 16.35
N ASN B 135 -9.53 -8.49 16.95
CA ASN B 135 -9.09 -9.63 16.18
C ASN B 135 -10.30 -10.39 15.58
N ASN B 136 -10.40 -10.37 14.25
CA ASN B 136 -11.42 -11.07 13.52
C ASN B 136 -10.68 -11.94 12.52
N ILE B 137 -9.71 -12.71 13.00
CA ILE B 137 -9.01 -13.67 12.21
C ILE B 137 -9.77 -14.99 12.35
N MET B 138 -10.13 -15.56 11.20
CA MET B 138 -11.07 -16.70 11.11
C MET B 138 -10.69 -17.64 9.98
N THR B 139 -11.10 -18.88 10.07
CA THR B 139 -10.96 -19.82 8.96
C THR B 139 -11.97 -19.45 7.88
N LYS B 140 -11.69 -19.94 6.68
CA LYS B 140 -12.60 -19.85 5.53
C LYS B 140 -14.03 -20.27 5.86
N GLU B 141 -14.17 -21.44 6.48
CA GLU B 141 -15.50 -21.92 6.87
C GLU B 141 -16.17 -20.96 7.88
N GLU B 142 -15.45 -20.43 8.85
CA GLU B 142 -16.09 -19.51 9.80
C GLU B 142 -16.56 -18.22 9.10
N ILE B 143 -15.85 -17.80 8.08
CA ILE B 143 -16.16 -16.53 7.41
C ILE B 143 -17.46 -16.76 6.67
N ILE B 144 -17.53 -17.86 5.94
CA ILE B 144 -18.76 -18.26 5.25
C ILE B 144 -19.97 -18.37 6.18
N ASN B 145 -19.75 -18.89 7.37
CA ASN B 145 -20.87 -19.06 8.30
C ASN B 145 -21.18 -17.87 9.20
N SER B 146 -20.32 -16.83 9.23
CA SER B 146 -20.47 -15.72 10.13
C SER B 146 -20.68 -14.34 9.49
N CYS B 147 -20.36 -14.23 8.20
CA CYS B 147 -20.39 -12.93 7.52
C CYS B 147 -21.62 -12.88 6.67
N PRO B 148 -22.57 -11.98 6.95
CA PRO B 148 -23.84 -11.96 6.19
C PRO B 148 -23.79 -11.29 4.84
N ASN B 149 -22.73 -10.52 4.55
CA ASN B 149 -22.75 -9.61 3.38
C ASN B 149 -21.62 -9.93 2.43
N ILE B 150 -21.87 -9.89 1.13
CA ILE B 150 -20.78 -9.91 0.14
C ILE B 150 -20.55 -8.44 -0.21
N TYR B 151 -19.37 -7.90 0.09
CA TYR B 151 -19.02 -6.50 -0.25
C TYR B 151 -18.21 -6.43 -1.51
N VAL B 152 -18.49 -5.41 -2.30
CA VAL B 152 -17.71 -5.08 -3.48
C VAL B 152 -16.98 -3.79 -3.17
N CYS B 153 -15.67 -3.84 -3.42
CA CYS B 153 -14.81 -2.72 -3.09
C CYS B 153 -13.45 -2.84 -3.82
N SER B 154 -12.66 -1.78 -3.70
CA SER B 154 -11.33 -1.72 -4.30
C SER B 154 -10.32 -2.46 -3.47
N GLU B 155 -9.20 -2.83 -4.11
CA GLU B 155 -8.00 -3.35 -3.40
C GLU B 155 -7.57 -2.43 -2.29
N ASN B 156 -7.52 -1.15 -2.59
CA ASN B 156 -7.03 -0.18 -1.65
C ASN B 156 -7.80 -0.24 -0.32
N SER B 157 -9.11 -0.48 -0.35
CA SER B 157 -9.91 -0.42 0.86
C SER B 157 -9.80 -1.65 1.74
N LEU B 158 -9.25 -2.75 1.25
CA LEU B 158 -9.44 -4.05 1.92
C LEU B 158 -8.86 -4.08 3.31
N TYR B 159 -7.59 -3.69 3.49
CA TYR B 159 -7.02 -3.69 4.83
C TYR B 159 -7.58 -2.62 5.74
N ASN B 160 -7.99 -1.49 5.18
CA ASN B 160 -8.69 -0.44 5.94
C ASN B 160 -10.04 -0.95 6.47
N LEU B 161 -10.74 -1.74 5.63
CA LEU B 161 -11.97 -2.40 6.08
C LEU B 161 -11.69 -3.45 7.18
N ALA B 162 -10.63 -4.27 7.01
CA ALA B 162 -10.22 -5.23 8.04
C ALA B 162 -9.91 -4.51 9.34
N TYR B 163 -9.20 -3.39 9.24
CA TYR B 163 -8.76 -2.66 10.45
C TYR B 163 -9.90 -2.10 11.25
N GLN B 164 -10.97 -1.73 10.55
CA GLN B 164 -12.18 -1.24 11.16
C GLN B 164 -13.10 -2.36 11.63
N GLY B 165 -12.76 -3.60 11.34
CA GLY B 165 -13.65 -4.73 11.68
C GLY B 165 -14.86 -4.93 10.78
N ILE B 166 -14.79 -4.37 9.57
CA ILE B 166 -15.85 -4.53 8.59
C ILE B 166 -15.69 -5.85 7.86
N ILE B 167 -14.47 -6.31 7.60
CA ILE B 167 -14.26 -7.66 7.07
C ILE B 167 -13.28 -8.39 7.99
N PRO B 168 -13.29 -9.74 8.00
CA PRO B 168 -12.33 -10.55 8.74
C PRO B 168 -11.06 -10.79 7.90
N LEU B 169 -10.08 -11.43 8.51
CA LEU B 169 -8.90 -11.89 7.80
C LEU B 169 -8.85 -13.40 7.91
N LEU B 170 -8.18 -14.07 6.98
CA LEU B 170 -7.94 -15.54 7.02
C LEU B 170 -6.80 -15.95 7.92
N LYS B 171 -7.09 -16.92 8.79
CA LYS B 171 -6.14 -17.49 9.74
C LYS B 171 -4.99 -18.21 9.04
N ASN B 172 -3.82 -18.17 9.70
CA ASN B 172 -2.57 -18.82 9.28
C ASN B 172 -2.09 -18.51 7.88
N LYS B 173 -2.70 -17.50 7.28
CA LYS B 173 -2.23 -16.84 6.08
C LYS B 173 -1.72 -15.54 6.63
N ASN B 174 -0.52 -15.18 6.20
CA ASN B 174 0.03 -13.88 6.50
C ASN B 174 0.71 -13.46 5.20
N GLY B 175 0.16 -12.46 4.57
CA GLY B 175 0.69 -11.98 3.30
C GLY B 175 0.21 -10.58 3.00
N ASN B 176 0.16 -10.26 1.72
CA ASN B 176 -0.45 -9.02 1.20
C ASN B 176 -1.59 -9.53 0.34
N LEU B 177 -2.78 -9.54 0.92
CA LEU B 177 -4.00 -10.17 0.35
C LEU B 177 -4.04 -11.72 0.33
N ASP B 178 -3.02 -12.38 0.90
CA ASP B 178 -3.04 -13.84 1.17
C ASP B 178 -4.07 -14.16 2.29
N ASP B 179 -4.18 -13.20 3.20
CA ASP B 179 -5.05 -13.27 4.35
C ASP B 179 -6.42 -12.57 4.18
N VAL B 180 -6.82 -12.19 2.96
CA VAL B 180 -8.20 -11.71 2.67
C VAL B 180 -8.85 -12.77 1.79
N PHE B 181 -10.03 -13.22 2.20
CA PHE B 181 -10.78 -14.24 1.43
C PHE B 181 -11.51 -13.52 0.28
N ILE B 182 -11.01 -13.74 -0.93
CA ILE B 182 -11.49 -13.07 -2.12
C ILE B 182 -12.36 -14.04 -2.88
N LEU B 183 -13.61 -13.66 -3.05
CA LEU B 183 -14.56 -14.52 -3.79
C LEU B 183 -14.39 -14.37 -5.28
N ASN B 184 -14.02 -13.17 -5.71
CA ASN B 184 -13.82 -12.84 -7.08
C ASN B 184 -13.16 -11.47 -7.19
N LYS B 185 -12.66 -11.18 -8.38
CA LYS B 185 -12.06 -9.93 -8.75
C LYS B 185 -12.59 -9.65 -10.13
N ILE B 186 -13.40 -8.59 -10.27
CA ILE B 186 -14.15 -8.36 -11.50
C ILE B 186 -13.94 -6.95 -12.00
N LYS B 187 -13.81 -6.79 -13.31
CA LYS B 187 -13.60 -5.45 -13.86
C LYS B 187 -14.90 -4.61 -13.78
N GLY B 188 -14.78 -3.35 -13.40
CA GLY B 188 -15.88 -2.44 -13.21
C GLY B 188 -16.88 -2.37 -14.33
N GLU B 189 -16.43 -2.45 -15.58
CA GLU B 189 -17.35 -2.38 -16.71
C GLU B 189 -18.45 -3.42 -16.69
N HIS B 190 -18.17 -4.60 -16.15
CA HIS B 190 -19.16 -5.69 -16.07
C HIS B 190 -20.32 -5.45 -15.11
N PHE B 191 -20.18 -4.48 -14.23
CA PHE B 191 -21.25 -4.11 -13.32
C PHE B 191 -22.03 -2.95 -13.80
N VAL B 192 -21.57 -2.26 -14.84
CA VAL B 192 -22.26 -1.10 -15.41
C VAL B 192 -23.65 -1.51 -15.91
N GLY B 193 -24.68 -0.78 -15.46
CA GLY B 193 -26.04 -1.05 -15.85
C GLY B 193 -26.82 -1.79 -14.77
N LEU B 194 -26.14 -2.39 -13.80
CA LEU B 194 -26.83 -3.12 -12.73
C LEU B 194 -27.65 -2.11 -11.94
N GLU B 195 -28.81 -2.50 -11.47
CA GLU B 195 -29.64 -1.66 -10.60
C GLU B 195 -29.24 -1.83 -9.14
N THR B 196 -29.16 -0.73 -8.40
CA THR B 196 -28.83 -0.72 -6.99
C THR B 196 -29.80 0.17 -6.21
N TYR B 197 -29.78 0.08 -4.89
CA TYR B 197 -30.53 1.04 -4.04
C TYR B 197 -29.87 1.13 -2.69
N THR B 198 -30.25 2.13 -1.91
CA THR B 198 -29.84 2.14 -0.51
C THR B 198 -31.12 2.25 0.32
N ASN B 199 -30.99 2.19 1.63
CA ASN B 199 -32.12 2.43 2.53
C ASN B 199 -32.34 3.90 2.87
N ILE B 200 -31.63 4.79 2.20
CA ILE B 200 -31.75 6.24 2.40
C ILE B 200 -32.27 6.99 1.17
N SER B 201 -32.03 6.45 -0.03
CA SER B 201 -32.37 7.07 -1.33
C SER B 201 -33.86 7.16 -1.55
N LYS B 202 -34.29 8.28 -2.14
CA LYS B 202 -35.68 8.49 -2.51
C LYS B 202 -36.16 7.53 -3.56
N ILE B 203 -35.29 7.27 -4.56
CA ILE B 203 -35.58 6.29 -5.60
C ILE B 203 -34.71 5.10 -5.38
N LYS B 204 -35.15 3.98 -5.95
CA LYS B 204 -34.54 2.70 -5.68
C LYS B 204 -33.95 2.04 -6.93
N ASN B 205 -33.77 2.81 -7.97
CA ASN B 205 -33.30 2.30 -9.28
C ASN B 205 -32.04 3.03 -9.66
N LEU B 206 -31.03 2.86 -8.83
CA LEU B 206 -29.81 3.58 -8.99
C LEU B 206 -28.84 2.76 -9.84
N TYR B 207 -28.78 3.02 -11.11
CA TYR B 207 -27.96 2.19 -11.97
C TYR B 207 -26.52 2.51 -11.79
N ILE B 208 -25.69 1.50 -12.03
CA ILE B 208 -24.26 1.67 -12.02
C ILE B 208 -23.82 2.30 -13.36
N LEU B 209 -23.17 3.44 -13.24
CA LEU B 209 -22.62 4.16 -14.35
C LEU B 209 -21.11 4.28 -14.28
N PRO B 210 -20.46 4.43 -15.44
CA PRO B 210 -18.99 4.55 -15.44
C PRO B 210 -18.41 5.95 -15.10
N MET B 211 -17.39 6.02 -14.28
CA MET B 211 -16.71 7.30 -13.98
C MET B 211 -15.25 7.02 -13.96
N THR B 212 -14.57 7.34 -15.06
CA THR B 212 -13.17 6.95 -15.25
C THR B 212 -12.21 7.74 -14.38
N THR B 213 -12.68 8.86 -13.80
CA THR B 213 -11.90 9.70 -12.92
C THR B 213 -11.87 9.25 -11.46
N ILE B 214 -12.62 8.20 -11.13
CA ILE B 214 -12.49 7.61 -9.80
C ILE B 214 -11.06 7.13 -9.58
N LYS B 215 -10.44 7.61 -8.50
CA LYS B 215 -9.10 7.26 -8.14
C LYS B 215 -9.13 6.00 -7.32
N MET B 216 -8.30 5.03 -7.70
CA MET B 216 -8.33 3.70 -7.09
C MET B 216 -7.48 3.58 -5.82
N ASN B 217 -6.73 4.65 -5.50
CA ASN B 217 -6.03 4.74 -4.25
C ASN B 217 -6.79 5.57 -3.20
N ILE B 218 -8.05 5.90 -3.43
CA ILE B 218 -8.87 6.64 -2.48
C ILE B 218 -10.11 5.80 -2.13
N SER B 219 -10.33 5.60 -0.83
CA SER B 219 -11.46 4.85 -0.28
C SER B 219 -11.81 3.56 -1.05
N THR B 220 -13.09 3.28 -1.28
CA THR B 220 -13.52 2.03 -1.84
C THR B 220 -13.61 2.06 -3.36
N GLY B 221 -13.47 3.24 -3.99
CA GLY B 221 -13.53 3.33 -5.48
C GLY B 221 -14.94 3.20 -6.08
N ILE B 222 -15.93 3.34 -5.22
CA ILE B 222 -17.32 3.35 -5.55
C ILE B 222 -17.89 4.60 -4.92
N VAL B 223 -18.58 5.38 -5.72
CA VAL B 223 -19.10 6.67 -5.29
C VAL B 223 -20.59 6.79 -5.58
N PRO B 224 -21.36 7.15 -4.57
CA PRO B 224 -22.74 7.51 -4.85
C PRO B 224 -22.80 8.75 -5.72
N CYS B 225 -23.68 8.78 -6.72
CA CYS B 225 -23.93 9.97 -7.56
C CYS B 225 -25.10 10.79 -7.01
N VAL B 226 -24.85 12.00 -6.57
CA VAL B 226 -25.91 12.94 -6.25
C VAL B 226 -25.72 14.14 -7.18
N SER B 227 -26.35 14.07 -8.35
CA SER B 227 -26.02 15.08 -9.39
C SER B 227 -26.61 16.47 -9.07
N SER B 228 -27.60 16.54 -8.19
CA SER B 228 -28.19 17.82 -7.84
C SER B 228 -27.21 18.62 -7.05
N ASP B 229 -26.47 17.96 -6.13
CA ASP B 229 -25.64 18.61 -5.12
C ASP B 229 -24.14 18.54 -5.32
N SER B 230 -23.67 17.88 -6.37
CA SER B 230 -22.22 17.70 -6.62
CA SER B 230 -22.23 17.77 -6.62
C SER B 230 -21.96 18.03 -8.08
N THR B 231 -21.09 18.99 -8.33
CA THR B 231 -20.75 19.38 -9.71
C THR B 231 -20.02 18.25 -10.47
N ASP B 232 -19.15 17.50 -9.82
CA ASP B 232 -18.47 16.39 -10.52
C ASP B 232 -19.47 15.27 -10.91
N ASP B 233 -20.41 14.95 -10.02
CA ASP B 233 -21.46 14.00 -10.34
C ASP B 233 -22.33 14.50 -11.51
N TYR B 234 -22.78 15.76 -11.40
CA TYR B 234 -23.51 16.43 -12.43
C TYR B 234 -22.73 16.37 -13.76
N ALA B 235 -21.46 16.67 -13.73
CA ALA B 235 -20.60 16.67 -14.96
C ALA B 235 -20.53 15.32 -15.63
N CYS B 236 -20.34 14.29 -14.84
CA CYS B 236 -20.29 12.94 -15.35
C CYS B 236 -21.63 12.48 -15.96
N LEU B 237 -22.74 12.63 -15.21
CA LEU B 237 -24.04 12.28 -15.73
C LEU B 237 -24.37 13.04 -17.02
N GLU B 238 -24.01 14.33 -17.03
CA GLU B 238 -24.19 15.16 -18.22
C GLU B 238 -23.44 14.64 -19.44
N ASP B 239 -22.19 14.23 -19.27
CA ASP B 239 -21.40 13.65 -20.37
C ASP B 239 -22.02 12.33 -20.82
N ILE B 240 -22.53 11.53 -19.88
CA ILE B 240 -23.18 10.30 -20.25
C ILE B 240 -24.45 10.58 -21.04
N ARG B 241 -25.28 11.54 -20.57
CA ARG B 241 -26.52 11.88 -21.25
C ARG B 241 -26.28 12.44 -22.64
N LYS B 242 -25.42 13.45 -22.71
CA LYS B 242 -24.96 14.05 -23.98
C LYS B 242 -24.42 13.02 -24.99
N LYS B 243 -23.70 12.00 -24.55
CA LYS B 243 -23.16 11.04 -25.46
C LYS B 243 -23.82 9.69 -25.28
N LYS B 244 -25.13 9.71 -25.14
CA LYS B 244 -25.84 8.51 -24.74
C LYS B 244 -25.69 7.39 -25.75
N ASN B 245 -25.54 7.73 -27.02
CA ASN B 245 -25.34 6.73 -28.06
C ASN B 245 -24.06 5.98 -27.92
N TYR B 246 -22.98 6.72 -27.66
CA TYR B 246 -21.67 6.12 -27.34
C TYR B 246 -21.73 5.18 -26.14
N TYR B 247 -22.30 5.68 -25.04
CA TYR B 247 -22.32 4.92 -23.77
C TYR B 247 -23.18 3.67 -23.83
N CYS B 248 -24.34 3.81 -24.48
CA CYS B 248 -25.30 2.72 -24.61
C CYS B 248 -24.87 1.72 -25.65
N GLU B 249 -23.95 2.10 -26.53
CA GLU B 249 -23.31 1.16 -27.40
C GLU B 249 -22.18 0.44 -26.71
N LYS B 250 -21.35 1.18 -25.97
CA LYS B 250 -20.19 0.57 -25.30
C LYS B 250 -20.52 -0.28 -24.05
N TYR B 251 -21.55 0.08 -23.32
CA TYR B 251 -21.90 -0.62 -22.06
C TYR B 251 -23.31 -1.20 -22.09
N ASN B 252 -23.63 -2.01 -21.08
CA ASN B 252 -24.98 -2.55 -20.89
C ASN B 252 -25.89 -1.49 -20.27
N LEU B 253 -26.10 -0.42 -21.04
CA LEU B 253 -26.94 0.71 -20.69
C LEU B 253 -27.92 0.95 -21.81
N LYS B 254 -29.13 1.35 -21.45
CA LYS B 254 -30.11 1.78 -22.42
C LYS B 254 -30.46 3.18 -22.00
N GLU B 255 -30.87 3.96 -22.99
CA GLU B 255 -31.20 5.40 -22.87
C GLU B 255 -32.27 5.71 -21.78
N GLU B 256 -33.17 4.76 -21.58
CA GLU B 256 -34.23 4.85 -20.56
C GLU B 256 -33.68 4.80 -19.11
N GLN B 257 -32.47 4.23 -18.91
CA GLN B 257 -31.81 4.22 -17.60
C GLN B 257 -31.22 5.58 -17.23
N LEU B 258 -31.17 6.52 -18.18
CA LEU B 258 -30.49 7.78 -18.02
C LEU B 258 -31.34 8.95 -17.55
N LYS B 259 -32.53 8.70 -17.01
CA LYS B 259 -33.48 9.76 -16.78
C LYS B 259 -33.77 10.03 -15.31
N ASN B 260 -32.94 9.49 -14.40
CA ASN B 260 -33.26 9.53 -12.98
C ASN B 260 -32.97 10.93 -12.48
N ASN B 261 -33.96 11.50 -11.80
CA ASN B 261 -33.91 12.79 -11.16
CA ASN B 261 -33.81 12.79 -11.20
C ASN B 261 -33.19 12.64 -9.80
N SER B 262 -32.30 13.57 -9.45
CA SER B 262 -31.66 13.66 -8.12
C SER B 262 -32.37 14.75 -7.31
N GLU B 263 -33.07 14.35 -6.26
CA GLU B 263 -33.66 15.29 -5.32
C GLU B 263 -32.57 16.11 -4.58
N SER B 264 -32.62 17.43 -4.73
CA SER B 264 -31.60 18.32 -4.13
C SER B 264 -31.78 18.44 -2.61
N CYS B 265 -30.72 18.18 -1.88
CA CYS B 265 -30.78 18.15 -0.44
C CYS B 265 -30.20 19.38 0.22
N ILE B 266 -29.61 20.30 -0.55
CA ILE B 266 -28.89 21.43 0.03
C ILE B 266 -29.29 22.65 -0.80
N GLU B 267 -29.67 23.73 -0.13
CA GLU B 267 -29.88 25.00 -0.79
C GLU B 267 -28.84 26.00 -0.27
N LEU B 268 -28.28 26.82 -1.15
CA LEU B 268 -27.27 27.78 -0.70
C LEU B 268 -27.96 29.14 -0.75
N PRO B 269 -27.65 30.02 0.22
CA PRO B 269 -28.29 31.33 0.28
C PRO B 269 -28.01 32.11 -1.01
N GLU B 270 -29.08 32.54 -1.67
CA GLU B 270 -28.98 33.35 -2.88
C GLU B 270 -28.35 32.66 -4.13
N ILE B 271 -28.41 31.32 -4.14
CA ILE B 271 -28.29 30.48 -5.34
C ILE B 271 -29.55 29.59 -5.50
N GLY B 272 -30.01 28.94 -4.42
CA GLY B 272 -31.15 28.02 -4.48
C GLY B 272 -30.58 26.62 -4.29
N ASN B 273 -31.33 25.60 -4.67
CA ASN B 273 -30.73 24.27 -4.65
C ASN B 273 -30.11 23.89 -6.01
N ASN B 274 -29.86 22.60 -6.24
CA ASN B 274 -29.24 22.16 -7.48
C ASN B 274 -27.94 22.91 -7.75
N THR B 275 -27.11 23.05 -6.72
CA THR B 275 -25.84 23.81 -6.79
C THR B 275 -24.75 23.11 -7.59
N GLY B 276 -24.94 21.81 -7.83
CA GLY B 276 -24.04 21.07 -8.68
C GLY B 276 -24.20 21.58 -10.09
N LYS B 277 -25.47 21.64 -10.58
CA LYS B 277 -25.76 22.28 -11.84
C LYS B 277 -25.27 23.77 -11.93
N TYR B 278 -25.74 24.60 -11.00
CA TYR B 278 -25.39 25.99 -10.95
C TYR B 278 -23.86 26.21 -11.16
N TYR B 279 -22.99 25.50 -10.44
CA TYR B 279 -21.54 25.68 -10.63
C TYR B 279 -20.94 25.06 -11.88
N TYR B 280 -21.52 23.96 -12.36
CA TYR B 280 -21.17 23.41 -13.66
C TYR B 280 -21.30 24.48 -14.73
N GLU B 281 -22.41 25.20 -14.66
CA GLU B 281 -22.73 26.17 -15.69
C GLU B 281 -21.96 27.46 -15.47
N LYS B 282 -21.93 27.92 -14.22
CA LYS B 282 -21.20 29.15 -13.90
C LYS B 282 -19.77 29.09 -14.34
N GLU B 283 -19.10 27.94 -14.19
CA GLU B 283 -17.67 27.80 -14.56
C GLU B 283 -17.42 27.21 -15.93
N LYS B 284 -18.47 26.99 -16.70
CA LYS B 284 -18.39 26.47 -18.05
C LYS B 284 -17.52 25.24 -18.11
N VAL B 285 -17.91 24.29 -17.25
CA VAL B 285 -17.21 23.02 -17.15
C VAL B 285 -17.30 22.30 -18.48
N SER B 286 -16.13 21.91 -18.97
CA SER B 286 -16.02 21.34 -20.32
C SER B 286 -16.32 19.87 -20.43
N SER B 287 -16.09 19.11 -19.35
CA SER B 287 -16.24 17.66 -19.37
C SER B 287 -16.07 17.22 -17.91
N TYR B 288 -16.36 15.96 -17.58
CA TYR B 288 -16.19 15.46 -16.21
C TYR B 288 -14.71 15.24 -15.86
N LYS B 289 -13.82 15.32 -16.86
CA LYS B 289 -12.40 15.25 -16.69
C LYS B 289 -11.73 16.62 -16.73
N ASP B 290 -12.52 17.70 -16.77
CA ASP B 290 -11.96 19.06 -16.66
C ASP B 290 -11.18 19.16 -15.38
N VAL B 291 -9.90 19.51 -15.52
CA VAL B 291 -9.00 19.71 -14.39
C VAL B 291 -9.45 20.77 -13.40
N LYS B 292 -10.25 21.75 -13.81
CA LYS B 292 -10.73 22.74 -12.84
C LYS B 292 -11.82 22.20 -11.94
N LEU B 293 -12.39 21.04 -12.26
CA LEU B 293 -13.38 20.43 -11.37
C LEU B 293 -12.76 20.13 -9.99
N GLN B 294 -11.48 19.81 -9.92
CA GLN B 294 -10.85 19.53 -8.59
C GLN B 294 -10.98 20.73 -7.62
N LYS B 295 -10.72 21.94 -8.13
CA LYS B 295 -10.93 23.18 -7.40
C LYS B 295 -12.41 23.52 -7.11
N ILE B 296 -13.28 23.42 -8.11
CA ILE B 296 -14.70 23.73 -7.92
C ILE B 296 -15.26 22.83 -6.81
N LYS B 297 -14.90 21.55 -6.89
CA LYS B 297 -15.34 20.48 -5.97
C LYS B 297 -15.10 20.87 -4.54
N GLU B 298 -13.85 21.29 -4.29
CA GLU B 298 -13.43 21.75 -2.97
C GLU B 298 -14.14 23.03 -2.52
N VAL B 299 -14.30 24.00 -3.44
CA VAL B 299 -14.95 25.27 -3.08
C VAL B 299 -16.40 25.07 -2.69
N LEU B 300 -17.12 24.28 -3.48
CA LEU B 300 -18.53 23.98 -3.23
C LEU B 300 -18.65 23.17 -1.97
N TYR B 301 -17.75 22.22 -1.78
CA TYR B 301 -17.77 21.40 -0.54
C TYR B 301 -17.81 22.34 0.71
N LYS B 302 -16.89 23.30 0.77
CA LYS B 302 -16.84 24.23 1.92
C LYS B 302 -17.99 25.24 2.01
N LYS B 303 -18.43 25.77 0.88
CA LYS B 303 -19.58 26.66 0.85
C LYS B 303 -20.87 25.92 1.29
N GLN B 304 -21.07 24.71 0.82
CA GLN B 304 -22.17 23.91 1.34
C GLN B 304 -22.09 23.65 2.87
N TYR B 305 -20.90 23.38 3.35
CA TYR B 305 -20.66 23.02 4.75
C TYR B 305 -20.99 24.23 5.66
N PHE B 306 -20.35 25.35 5.36
CA PHE B 306 -20.52 26.58 6.17
C PHE B 306 -21.79 27.37 5.89
N GLU B 307 -22.38 27.25 4.69
CA GLU B 307 -23.55 28.05 4.33
C GLU B 307 -24.82 27.32 3.98
N GLY B 308 -24.77 26.02 3.63
CA GLY B 308 -25.99 25.35 3.14
C GLY B 308 -27.11 25.12 4.15
N ILE B 309 -28.34 25.12 3.66
CA ILE B 309 -29.52 24.74 4.45
C ILE B 309 -30.15 23.49 3.81
N MET B 310 -30.58 22.54 4.64
CA MET B 310 -31.14 21.29 4.15
C MET B 310 -32.57 21.47 3.70
N THR B 311 -32.93 20.75 2.66
CA THR B 311 -34.24 20.88 2.06
C THR B 311 -35.05 19.57 2.05
N VAL B 312 -34.57 18.53 2.74
CA VAL B 312 -35.26 17.23 2.69
C VAL B 312 -35.41 16.65 4.09
N ASP B 313 -36.44 15.83 4.26
CA ASP B 313 -36.63 15.09 5.50
C ASP B 313 -35.39 14.21 5.80
N PRO B 314 -34.99 14.07 7.06
CA PRO B 314 -35.68 14.60 8.27
C PRO B 314 -34.99 15.86 8.79
N TYR B 315 -34.35 16.59 7.87
CA TYR B 315 -33.41 17.61 8.26
C TYR B 315 -33.92 18.99 7.82
N LYS B 316 -35.15 19.10 7.30
CA LYS B 316 -35.58 20.32 6.54
C LYS B 316 -35.45 21.60 7.34
N GLY B 317 -34.88 22.63 6.72
CA GLY B 317 -34.63 23.90 7.41
C GLY B 317 -33.43 23.90 8.35
N MET B 318 -32.82 22.74 8.59
N MET B 318 -32.82 22.74 8.59
CA MET B 318 -31.65 22.64 9.45
C MET B 318 -30.43 22.98 8.61
N LYS B 319 -29.37 23.46 9.26
CA LYS B 319 -28.15 23.82 8.57
C LYS B 319 -27.33 22.60 8.24
N THR B 320 -26.81 22.56 6.99
CA THR B 320 -25.87 21.53 6.54
C THR B 320 -24.73 21.31 7.53
N PHE B 321 -24.38 22.37 8.22
CA PHE B 321 -23.27 22.35 9.15
C PHE B 321 -23.57 21.34 10.28
N ASN B 322 -24.77 21.43 10.81
CA ASN B 322 -25.23 20.51 11.85
C ASN B 322 -25.48 19.07 11.26
N CYS B 323 -26.18 19.04 10.13
CA CYS B 323 -26.68 17.82 9.54
CA CYS B 323 -26.69 17.79 9.56
C CYS B 323 -25.62 16.79 9.14
N ARG B 324 -24.44 17.22 8.71
CA ARG B 324 -23.30 16.32 8.40
C ARG B 324 -23.06 15.34 9.52
N LYS B 325 -23.01 15.89 10.73
CA LYS B 325 -22.72 15.11 11.90
C LYS B 325 -23.92 14.20 12.22
N LEU B 326 -25.16 14.72 12.16
CA LEU B 326 -26.35 13.92 12.47
C LEU B 326 -26.59 12.80 11.46
N ALA B 327 -26.42 13.11 10.17
CA ALA B 327 -26.58 12.14 9.08
C ALA B 327 -25.58 10.99 9.18
N LYS B 328 -24.34 11.30 9.48
CA LYS B 328 -23.35 10.27 9.81
C LYS B 328 -23.79 9.38 10.96
N GLN B 329 -24.23 10.00 12.05
CA GLN B 329 -24.66 9.25 13.21
C GLN B 329 -25.82 8.37 12.84
N ASN B 330 -26.79 8.89 12.08
CA ASN B 330 -28.00 8.16 11.74
C ASN B 330 -27.74 6.97 10.81
N ILE B 331 -26.89 7.18 9.79
CA ILE B 331 -26.47 6.10 8.88
C ILE B 331 -25.85 4.92 9.64
N ILE B 332 -24.91 5.23 10.52
CA ILE B 332 -24.18 4.25 11.27
C ILE B 332 -25.08 3.56 12.30
N ARG B 333 -25.85 4.35 13.04
CA ARG B 333 -26.82 3.75 13.99
C ARG B 333 -27.83 2.85 13.30
N ASN B 334 -28.34 3.24 12.12
CA ASN B 334 -29.33 2.42 11.39
C ASN B 334 -28.76 1.27 10.60
N LEU B 335 -27.46 0.97 10.73
CA LEU B 335 -26.81 -0.11 10.01
C LEU B 335 -26.91 0.09 8.49
N ASP B 336 -26.95 1.34 8.06
CA ASP B 336 -27.00 1.64 6.65
C ASP B 336 -25.62 1.96 6.05
N GLY B 337 -24.58 1.92 6.88
CA GLY B 337 -23.26 2.34 6.48
C GLY B 337 -22.25 2.29 7.60
N PHE B 338 -21.05 2.78 7.31
CA PHE B 338 -19.92 2.65 8.20
C PHE B 338 -19.11 3.93 8.20
N LEU B 339 -18.25 4.10 9.21
CA LEU B 339 -17.26 5.16 9.23
C LEU B 339 -15.99 4.52 8.76
N TYR B 340 -15.31 5.15 7.80
CA TYR B 340 -14.08 4.63 7.24
C TYR B 340 -13.05 5.77 7.27
N SER B 341 -11.84 5.45 7.71
CA SER B 341 -10.66 6.32 7.63
C SER B 341 -9.63 5.56 6.84
N GLU B 342 -8.66 6.28 6.30
CA GLU B 342 -7.50 5.67 5.69
C GLU B 342 -6.34 6.66 5.75
#